data_7MMH
#
_entry.id   7MMH
#
_cell.length_a   54.921
_cell.length_b   58.711
_cell.length_c   59.807
_cell.angle_alpha   90.000
_cell.angle_beta   90.000
_cell.angle_gamma   90.000
#
_symmetry.space_group_name_H-M   'P 21 21 21'
#
loop_
_entity.id
_entity.type
_entity.pdbx_description
1 polymer 'NS3/4A protease'
2 non-polymer 'ZINC ION'
3 non-polymer '[1-(trifluoromethyl)cyclopropyl]methyl {(2R,4S,6S,12Z,13aS,14aR,16aS)-2-[(7-methoxy-3-methylquinoxalin-2-yl)oxy]-14a-[(1-methylcyclopropane-1-sulfonyl)carbamoyl]-5,16-dioxo-1,2,3,5,6,7,8,9,10,11,13a,14,14a,15,16,16a-hexadecahydrocyclopropa[e]pyrrolo[1,2-a][1,4]diazacyclopentadecin-6-yl}carbamate'
4 non-polymer 1,2-ETHANEDIOL
5 non-polymer 'SULFATE ION'
6 water water
#
_entity_poly.entity_id   1
_entity_poly.type   'polypeptide(L)'
_entity_poly.pdbx_seq_one_letter_code
;HMASMKKKGSVVIVGRINLSGDTAYAQQTRGEEGCQETSQTGRDKNQVEGEVQIVSTATQTFLATSINGVLWTVYHGAGT
RTIASPKGPVTQMYTNVDKDLVGWQAPQGSRSLTPCTCGSSDLYLVTRHADVIPVRRRGDSRGSLLSPRPISYLKGSSGG
PLLCPAGHAVGIFRAAVSTRGVAKAVAFIPVESLETTMRS
;
_entity_poly.pdbx_strand_id   A
#
loop_
_chem_comp.id
_chem_comp.type
_chem_comp.name
_chem_comp.formula
EDO non-polymer 1,2-ETHANEDIOL 'C2 H6 O2'
SO4 non-polymer 'SULFATE ION' 'O4 S -2'
ZJY non-polymer '[1-(trifluoromethyl)cyclopropyl]methyl {(2R,4S,6S,12Z,13aS,14aR,16aS)-2-[(7-methoxy-3-methylquinoxalin-2-yl)oxy]-14a-[(1-methylcyclopropane-1-sulfonyl)carbamoyl]-5,16-dioxo-1,2,3,5,6,7,8,9,10,11,13a,14,14a,15,16,16a-hexadecahydrocyclopropa[e]pyrrolo[1,2-a][1,4]diazacyclopentadecin-6-yl}carbamate' 'C38 H47 F3 N6 O9 S'
ZN non-polymer 'ZINC ION' 'Zn 2'
#
# COMPACT_ATOMS: atom_id res chain seq x y z
N HIS A 1 -15.36 26.01 -10.92
CA HIS A 1 -15.70 27.28 -11.56
C HIS A 1 -16.59 27.10 -12.76
N MET A 2 -16.24 26.12 -13.60
CA MET A 2 -16.90 25.83 -14.85
C MET A 2 -17.86 24.66 -14.69
N ALA A 3 -18.84 24.60 -15.57
CA ALA A 3 -19.69 23.41 -15.61
C ALA A 3 -18.97 22.22 -16.22
N SER A 4 -17.78 22.44 -16.80
CA SER A 4 -16.99 21.39 -17.41
C SER A 4 -16.01 20.72 -16.44
N MET A 5 -15.83 21.26 -15.25
CA MET A 5 -14.73 20.77 -14.42
C MET A 5 -15.00 19.33 -13.99
N LYS A 6 -13.97 18.49 -14.12
CA LYS A 6 -14.12 17.08 -13.81
C LYS A 6 -13.70 16.81 -12.37
N LYS A 7 -14.16 15.67 -11.85
CA LYS A 7 -13.75 15.18 -10.55
C LYS A 7 -12.80 14.00 -10.73
N LYS A 8 -11.78 13.93 -9.89
CA LYS A 8 -10.89 12.78 -9.95
C LYS A 8 -11.62 11.55 -9.44
N GLY A 9 -11.25 10.41 -9.99
CA GLY A 9 -11.87 9.17 -9.58
C GLY A 9 -11.37 8.69 -8.23
N SER A 10 -12.03 7.66 -7.74
CA SER A 10 -11.59 7.00 -6.52
C SER A 10 -10.45 6.03 -6.81
N VAL A 11 -9.62 5.82 -5.79
CA VAL A 11 -8.78 4.62 -5.74
C VAL A 11 -9.67 3.40 -5.70
N VAL A 12 -9.25 2.34 -6.40
CA VAL A 12 -10.00 1.10 -6.54
C VAL A 12 -9.10 -0.07 -6.15
N ILE A 13 -9.63 -0.95 -5.30
CA ILE A 13 -8.97 -2.23 -5.03
C ILE A 13 -9.15 -3.14 -6.24
N VAL A 14 -8.04 -3.61 -6.79
CA VAL A 14 -8.07 -4.47 -7.97
C VAL A 14 -7.52 -5.85 -7.70
N GLY A 15 -7.03 -6.11 -6.50
CA GLY A 15 -6.48 -7.41 -6.19
C GLY A 15 -5.88 -7.39 -4.81
N ARG A 16 -5.11 -8.43 -4.53
CA ARG A 16 -4.49 -8.53 -3.21
C ARG A 16 -3.25 -9.40 -3.33
N ILE A 17 -2.38 -9.28 -2.33
CA ILE A 17 -1.28 -10.22 -2.14
C ILE A 17 -1.71 -11.21 -1.07
N ASN A 18 -1.84 -12.47 -1.47
CA ASN A 18 -2.28 -13.52 -0.57
C ASN A 18 -1.12 -14.01 0.26
N LEU A 19 -1.23 -13.82 1.57
CA LEU A 19 -0.21 -14.26 2.52
C LEU A 19 -0.74 -15.31 3.49
N SER A 20 -1.88 -15.93 3.19
CA SER A 20 -2.53 -16.76 4.19
C SER A 20 -1.94 -18.16 4.26
N GLY A 21 -1.33 -18.65 3.20
CA GLY A 21 -0.82 -20.00 3.15
C GLY A 21 0.68 -20.07 3.38
N ASP A 22 1.31 -21.04 2.73
CA ASP A 22 2.75 -21.19 2.74
C ASP A 22 3.43 -20.48 1.57
N THR A 23 2.64 -20.02 0.60
CA THR A 23 3.12 -19.48 -0.66
C THR A 23 2.45 -18.13 -0.87
N ALA A 24 3.25 -17.06 -1.00
CA ALA A 24 2.68 -15.75 -1.28
C ALA A 24 2.34 -15.67 -2.76
N TYR A 25 1.16 -15.14 -3.09
CA TYR A 25 0.86 -14.95 -4.49
C TYR A 25 -0.12 -13.81 -4.70
N ALA A 26 0.05 -13.12 -5.82
CA ALA A 26 -0.87 -12.05 -6.20
C ALA A 26 -2.15 -12.64 -6.78
N GLN A 27 -3.28 -12.05 -6.42
CA GLN A 27 -4.57 -12.37 -7.01
C GLN A 27 -5.18 -11.09 -7.59
N GLN A 28 -5.71 -11.17 -8.80
CA GLN A 28 -6.49 -10.09 -9.34
C GLN A 28 -7.95 -10.34 -9.05
N THR A 29 -8.64 -9.30 -8.56
CA THR A 29 -10.06 -9.41 -8.28
C THR A 29 -10.93 -8.52 -9.16
N ARG A 30 -10.31 -7.58 -9.87
CA ARG A 30 -11.05 -6.72 -10.80
C ARG A 30 -10.15 -6.42 -12.02
N GLY A 31 -10.74 -6.54 -13.21
CA GLY A 31 -10.06 -6.18 -14.43
C GLY A 31 -10.19 -4.69 -14.77
N GLU A 32 -9.48 -4.26 -15.83
CA GLU A 32 -9.29 -2.83 -16.06
C GLU A 32 -10.59 -2.11 -16.37
N GLU A 33 -11.56 -2.79 -16.99
CA GLU A 33 -12.83 -2.17 -17.33
C GLU A 33 -13.65 -1.88 -16.09
N GLY A 34 -13.88 -2.92 -15.28
CA GLY A 34 -14.57 -2.71 -14.02
C GLY A 34 -13.83 -1.73 -13.12
N CYS A 35 -12.49 -1.71 -13.20
CA CYS A 35 -11.75 -0.75 -12.40
C CYS A 35 -12.09 0.68 -12.84
N GLN A 36 -12.10 0.92 -14.15
CA GLN A 36 -12.40 2.26 -14.66
C GLN A 36 -13.78 2.71 -14.22
N GLU A 37 -14.77 1.82 -14.33
CA GLU A 37 -16.14 2.18 -13.95
C GLU A 37 -16.26 2.39 -12.45
N THR A 38 -15.60 1.55 -11.66
CA THR A 38 -15.66 1.68 -10.21
C THR A 38 -14.96 2.96 -9.75
N SER A 39 -13.92 3.37 -10.46
CA SER A 39 -13.24 4.62 -10.11
C SER A 39 -14.16 5.81 -10.28
N GLN A 40 -14.99 5.79 -11.33
CA GLN A 40 -15.90 6.92 -11.58
C GLN A 40 -17.05 6.94 -10.60
N THR A 41 -17.65 5.77 -10.32
CA THR A 41 -18.81 5.76 -9.43
C THR A 41 -18.41 5.77 -7.96
N GLY A 42 -17.23 5.25 -7.64
CA GLY A 42 -16.87 5.05 -6.25
C GLY A 42 -17.60 3.91 -5.58
N ARG A 43 -18.35 3.10 -6.32
CA ARG A 43 -19.12 2.01 -5.75
C ARG A 43 -18.44 0.68 -6.09
N ASP A 44 -17.89 0.03 -5.08
CA ASP A 44 -17.19 -1.25 -5.22
C ASP A 44 -17.92 -2.26 -4.33
N LYS A 45 -18.66 -3.19 -4.95
CA LYS A 45 -19.37 -4.21 -4.24
C LYS A 45 -18.57 -5.51 -4.08
N ASN A 46 -17.33 -5.56 -4.55
CA ASN A 46 -16.51 -6.75 -4.42
C ASN A 46 -16.12 -7.00 -2.98
N GLN A 47 -16.09 -8.28 -2.59
CA GLN A 47 -15.64 -8.65 -1.26
C GLN A 47 -14.13 -8.41 -1.13
N VAL A 48 -13.74 -7.79 -0.03
CA VAL A 48 -12.32 -7.54 0.25
C VAL A 48 -11.84 -8.58 1.25
N GLU A 49 -10.64 -9.11 1.00
CA GLU A 49 -10.00 -10.02 1.92
C GLU A 49 -8.53 -9.64 2.08
N GLY A 50 -7.97 -10.03 3.22
CA GLY A 50 -6.54 -9.96 3.41
C GLY A 50 -6.02 -8.62 3.89
N GLU A 51 -4.69 -8.54 4.00
CA GLU A 51 -3.97 -7.42 4.59
C GLU A 51 -3.41 -6.45 3.58
N VAL A 52 -2.87 -6.96 2.46
CA VAL A 52 -2.22 -6.16 1.44
C VAL A 52 -3.10 -6.16 0.20
N GLN A 53 -3.59 -4.99 -0.17
CA GLN A 53 -4.40 -4.83 -1.35
C GLN A 53 -3.56 -4.25 -2.48
N ILE A 54 -3.87 -4.66 -3.70
CA ILE A 54 -3.41 -3.99 -4.91
C ILE A 54 -4.47 -2.95 -5.30
N VAL A 55 -4.04 -1.71 -5.51
CA VAL A 55 -4.97 -0.62 -5.75
C VAL A 55 -4.57 0.10 -7.03
N SER A 56 -5.53 0.80 -7.62
N SER A 56 -5.54 0.79 -7.62
CA SER A 56 -5.24 1.51 -8.86
CA SER A 56 -5.34 1.46 -8.90
C SER A 56 -6.10 2.76 -8.96
C SER A 56 -6.10 2.77 -8.93
N THR A 57 -5.53 3.75 -9.62
CA THR A 57 -6.28 4.91 -10.10
C THR A 57 -6.39 4.76 -11.61
N ALA A 58 -6.88 5.80 -12.28
CA ALA A 58 -6.90 5.75 -13.73
C ALA A 58 -5.50 5.70 -14.32
N THR A 59 -4.50 6.20 -13.58
CA THR A 59 -3.17 6.37 -14.14
C THR A 59 -2.05 5.65 -13.41
N GLN A 60 -2.31 5.08 -12.23
N GLN A 60 -2.31 5.09 -12.23
CA GLN A 60 -1.25 4.48 -11.45
CA GLN A 60 -1.24 4.47 -11.45
C GLN A 60 -1.75 3.22 -10.75
C GLN A 60 -1.76 3.21 -10.78
N THR A 61 -0.83 2.33 -10.44
CA THR A 61 -1.14 1.16 -9.63
C THR A 61 -0.05 0.96 -8.60
N PHE A 62 -0.46 0.59 -7.39
CA PHE A 62 0.44 0.51 -6.23
C PHE A 62 -0.26 -0.39 -5.21
N LEU A 63 0.22 -0.40 -3.98
CA LEU A 63 -0.31 -1.25 -2.94
C LEU A 63 -0.87 -0.42 -1.78
N ALA A 64 -1.66 -1.09 -0.93
CA ALA A 64 -2.24 -0.52 0.27
C ALA A 64 -2.31 -1.61 1.34
N THR A 65 -1.99 -1.25 2.58
CA THR A 65 -1.79 -2.22 3.65
C THR A 65 -2.62 -1.84 4.88
N SER A 66 -3.40 -2.80 5.38
N SER A 66 -3.40 -2.79 5.39
CA SER A 66 -4.19 -2.58 6.59
CA SER A 66 -4.19 -2.54 6.58
C SER A 66 -3.35 -2.83 7.83
C SER A 66 -3.38 -2.83 7.83
N ILE A 67 -3.26 -1.82 8.70
CA ILE A 67 -2.61 -1.92 10.00
C ILE A 67 -3.50 -1.21 11.00
N ASN A 68 -3.91 -1.92 12.06
CA ASN A 68 -4.73 -1.31 13.12
C ASN A 68 -6.02 -0.67 12.61
N GLY A 69 -6.71 -1.36 11.72
CA GLY A 69 -8.00 -0.90 11.26
C GLY A 69 -7.97 0.24 10.27
N VAL A 70 -6.81 0.57 9.72
CA VAL A 70 -6.64 1.63 8.73
C VAL A 70 -5.96 1.03 7.51
N LEU A 71 -6.49 1.31 6.32
CA LEU A 71 -5.83 0.97 5.08
C LEU A 71 -4.92 2.10 4.67
N TRP A 72 -3.61 1.85 4.72
CA TRP A 72 -2.60 2.86 4.51
C TRP A 72 -2.00 2.75 3.11
N THR A 73 -1.62 3.89 2.54
CA THR A 73 -0.85 3.89 1.32
C THR A 73 -0.07 5.19 1.22
N VAL A 74 0.56 5.41 0.07
CA VAL A 74 1.38 6.59 -0.16
C VAL A 74 0.59 7.71 -0.83
N TYR A 75 0.87 8.93 -0.39
CA TYR A 75 0.30 10.10 -1.04
C TYR A 75 0.73 10.24 -2.50
N HIS A 76 1.96 9.85 -2.84
CA HIS A 76 2.38 10.01 -4.24
C HIS A 76 1.65 9.06 -5.16
N GLY A 77 0.92 8.08 -4.61
CA GLY A 77 0.02 7.23 -5.38
C GLY A 77 -1.42 7.71 -5.36
N ALA A 78 -1.93 7.97 -4.16
CA ALA A 78 -3.36 8.24 -3.97
C ALA A 78 -3.73 9.71 -4.00
N GLY A 79 -2.78 10.61 -3.80
CA GLY A 79 -3.13 11.99 -3.58
C GLY A 79 -4.14 12.09 -2.48
N THR A 80 -5.12 12.98 -2.67
CA THR A 80 -6.19 13.19 -1.73
C THR A 80 -7.45 12.39 -2.09
N ARG A 81 -7.32 11.37 -2.93
N ARG A 81 -7.32 11.37 -2.93
CA ARG A 81 -8.49 10.70 -3.47
CA ARG A 81 -8.49 10.71 -3.49
C ARG A 81 -9.25 9.90 -2.44
C ARG A 81 -9.25 9.89 -2.45
N THR A 82 -10.56 9.80 -2.67
CA THR A 82 -11.39 8.82 -2.00
C THR A 82 -11.05 7.42 -2.48
N ILE A 83 -11.52 6.42 -1.73
CA ILE A 83 -11.44 5.02 -2.12
C ILE A 83 -12.86 4.50 -2.34
N ALA A 84 -13.02 3.65 -3.35
CA ALA A 84 -14.33 3.07 -3.65
C ALA A 84 -14.71 2.04 -2.59
N SER A 85 -16.01 1.96 -2.31
CA SER A 85 -16.52 1.07 -1.28
C SER A 85 -17.95 0.69 -1.65
N PRO A 86 -18.53 -0.30 -0.96
CA PRO A 86 -19.88 -0.75 -1.38
C PRO A 86 -20.93 0.34 -1.34
N LYS A 87 -20.74 1.38 -0.53
CA LYS A 87 -21.73 2.44 -0.35
C LYS A 87 -21.29 3.75 -1.00
N GLY A 88 -20.23 3.73 -1.78
CA GLY A 88 -19.74 4.90 -2.46
C GLY A 88 -18.38 5.35 -1.95
N PRO A 89 -17.92 6.51 -2.43
CA PRO A 89 -16.57 6.96 -2.10
C PRO A 89 -16.40 7.26 -0.63
N VAL A 90 -15.24 6.88 -0.11
CA VAL A 90 -14.88 7.03 1.29
C VAL A 90 -13.73 8.02 1.36
N THR A 91 -13.91 9.10 2.09
CA THR A 91 -12.90 10.13 2.24
C THR A 91 -11.77 9.64 3.15
N GLN A 92 -10.55 10.10 2.85
CA GLN A 92 -9.39 9.78 3.69
C GLN A 92 -9.61 10.22 5.13
N MET A 93 -9.18 9.38 6.05
CA MET A 93 -9.11 9.64 7.47
C MET A 93 -7.79 10.23 7.91
N TYR A 94 -6.74 9.99 7.14
CA TYR A 94 -5.42 10.51 7.40
C TYR A 94 -4.83 10.96 6.07
N THR A 95 -4.21 12.14 6.05
CA THR A 95 -3.48 12.64 4.90
C THR A 95 -2.27 13.37 5.43
N ASN A 96 -1.06 12.95 5.02
CA ASN A 96 0.14 13.65 5.48
C ASN A 96 1.18 13.66 4.35
N VAL A 97 1.17 14.74 3.56
CA VAL A 97 2.07 14.83 2.44
C VAL A 97 3.52 14.84 2.89
N ASP A 98 3.79 15.33 4.10
CA ASP A 98 5.16 15.38 4.58
C ASP A 98 5.73 14.00 4.86
N LYS A 99 4.88 13.03 5.18
CA LYS A 99 5.27 11.65 5.38
C LYS A 99 5.05 10.80 4.14
N ASP A 100 4.47 11.37 3.08
CA ASP A 100 4.03 10.62 1.90
C ASP A 100 3.01 9.57 2.26
N LEU A 101 2.06 9.93 3.11
CA LEU A 101 1.20 8.95 3.77
C LEU A 101 -0.26 9.35 3.66
N VAL A 102 -1.11 8.38 3.36
CA VAL A 102 -2.55 8.57 3.49
C VAL A 102 -3.17 7.31 4.07
N GLY A 103 -4.39 7.45 4.57
CA GLY A 103 -5.10 6.32 5.13
C GLY A 103 -6.61 6.48 5.08
N TRP A 104 -7.29 5.38 4.84
CA TRP A 104 -8.73 5.30 4.94
C TRP A 104 -9.09 4.24 5.97
N GLN A 105 -10.30 4.31 6.51
CA GLN A 105 -10.82 3.20 7.32
C GLN A 105 -10.65 1.88 6.55
N ALA A 106 -10.23 0.84 7.26
CA ALA A 106 -9.97 -0.42 6.57
C ALA A 106 -11.27 -1.03 6.05
N PRO A 107 -11.26 -1.63 4.86
CA PRO A 107 -12.50 -2.16 4.29
C PRO A 107 -13.08 -3.28 5.14
N GLN A 108 -14.41 -3.33 5.17
CA GLN A 108 -15.10 -4.49 5.73
C GLN A 108 -14.60 -5.78 5.05
N GLY A 109 -14.15 -6.73 5.86
CA GLY A 109 -13.64 -7.98 5.36
C GLY A 109 -12.13 -8.08 5.34
N SER A 110 -11.42 -6.95 5.31
CA SER A 110 -9.97 -6.97 5.39
C SER A 110 -9.50 -7.49 6.75
N ARG A 111 -8.25 -7.90 6.78
CA ARG A 111 -7.53 -8.26 7.99
C ARG A 111 -6.41 -7.25 8.18
N SER A 112 -6.18 -6.85 9.43
CA SER A 112 -5.15 -5.87 9.72
C SER A 112 -3.90 -6.56 10.25
N LEU A 113 -2.74 -6.06 9.82
CA LEU A 113 -1.49 -6.40 10.48
C LEU A 113 -1.40 -5.70 11.84
N THR A 114 -0.69 -6.33 12.73
CA THR A 114 -0.39 -5.81 14.06
C THR A 114 0.90 -5.02 14.03
N PRO A 115 0.94 -3.83 14.64
CA PRO A 115 2.19 -3.06 14.68
C PRO A 115 3.28 -3.81 15.44
N CYS A 116 4.45 -3.86 14.84
CA CYS A 116 5.59 -4.54 15.46
C CYS A 116 6.09 -3.82 16.70
N THR A 117 6.34 -4.58 17.77
CA THR A 117 7.08 -4.05 18.90
C THR A 117 8.32 -4.89 19.20
N CYS A 118 8.81 -5.65 18.21
CA CYS A 118 9.90 -6.59 18.45
C CYS A 118 11.25 -5.89 18.52
N GLY A 119 11.40 -4.75 17.88
CA GLY A 119 12.69 -4.10 17.79
C GLY A 119 13.70 -4.86 16.95
N SER A 120 13.23 -5.72 16.04
CA SER A 120 14.10 -6.49 15.16
C SER A 120 14.49 -5.70 13.91
N SER A 121 15.69 -5.95 13.40
CA SER A 121 16.16 -5.30 12.18
C SER A 121 16.19 -6.24 10.99
N ASP A 122 15.68 -7.46 11.13
CA ASP A 122 15.62 -8.44 10.04
C ASP A 122 14.21 -8.37 9.47
N LEU A 123 14.05 -7.65 8.37
CA LEU A 123 12.75 -7.32 7.80
C LEU A 123 12.52 -8.06 6.49
N TYR A 124 11.27 -7.99 6.03
CA TYR A 124 10.84 -8.61 4.78
C TYR A 124 9.89 -7.66 4.07
N LEU A 125 10.22 -7.31 2.84
CA LEU A 125 9.40 -6.43 2.01
C LEU A 125 8.52 -7.26 1.09
N VAL A 126 7.23 -6.98 1.08
CA VAL A 126 6.29 -7.70 0.22
C VAL A 126 5.95 -6.82 -0.98
N THR A 127 6.20 -7.32 -2.18
CA THR A 127 5.96 -6.56 -3.40
C THR A 127 4.63 -6.94 -4.03
N ARG A 128 4.23 -6.14 -5.03
CA ARG A 128 3.00 -6.38 -5.76
C ARG A 128 3.04 -7.67 -6.57
N HIS A 129 4.22 -8.23 -6.78
CA HIS A 129 4.37 -9.53 -7.44
C HIS A 129 4.48 -10.67 -6.44
N ALA A 130 4.20 -10.40 -5.16
CA ALA A 130 4.25 -11.38 -4.08
C ALA A 130 5.66 -11.91 -3.85
N ASP A 131 6.68 -11.16 -4.25
CA ASP A 131 8.03 -11.45 -3.79
C ASP A 131 8.15 -11.01 -2.36
N VAL A 132 8.81 -11.83 -1.54
CA VAL A 132 9.10 -11.50 -0.16
C VAL A 132 10.61 -11.30 -0.09
N ILE A 133 11.03 -10.06 0.07
CA ILE A 133 12.41 -9.60 -0.15
C ILE A 133 13.03 -9.32 1.21
N PRO A 134 14.07 -10.05 1.62
CA PRO A 134 14.78 -9.71 2.86
C PRO A 134 15.46 -8.36 2.78
N VAL A 135 15.26 -7.57 3.84
CA VAL A 135 15.74 -6.21 3.98
C VAL A 135 16.31 -6.08 5.39
N ARG A 136 17.58 -5.63 5.50
CA ARG A 136 18.15 -5.33 6.81
C ARG A 136 17.84 -3.88 7.17
N ARG A 137 17.20 -3.67 8.32
CA ARG A 137 16.91 -2.31 8.76
C ARG A 137 18.21 -1.59 9.05
N ARG A 138 18.33 -0.35 8.54
CA ARG A 138 19.55 0.44 8.63
C ARG A 138 19.34 1.78 9.30
N GLY A 139 18.09 2.12 9.64
CA GLY A 139 17.81 3.33 10.38
C GLY A 139 16.33 3.37 10.69
N ASP A 140 15.88 4.53 11.15
CA ASP A 140 14.46 4.70 11.46
C ASP A 140 13.58 4.48 10.23
N SER A 141 14.06 4.85 9.04
CA SER A 141 13.18 4.79 7.86
C SER A 141 13.86 4.20 6.64
N ARG A 142 14.94 3.43 6.82
CA ARG A 142 15.70 2.87 5.72
C ARG A 142 16.07 1.42 5.99
N GLY A 143 16.16 0.64 4.91
CA GLY A 143 16.71 -0.70 5.00
C GLY A 143 17.42 -1.05 3.71
N SER A 144 18.38 -1.97 3.80
CA SER A 144 19.13 -2.40 2.63
C SER A 144 18.61 -3.74 2.14
N LEU A 145 18.51 -3.90 0.83
CA LEU A 145 18.16 -5.20 0.27
C LEU A 145 19.33 -6.15 0.46
N LEU A 146 19.05 -7.38 0.89
CA LEU A 146 20.16 -8.31 1.00
C LEU A 146 20.62 -8.75 -0.37
N SER A 147 19.71 -8.76 -1.34
CA SER A 147 20.00 -9.14 -2.73
C SER A 147 19.49 -7.98 -3.58
N PRO A 148 20.34 -7.02 -3.91
CA PRO A 148 19.90 -5.92 -4.79
C PRO A 148 19.32 -6.41 -6.10
N ARG A 149 18.45 -5.60 -6.68
CA ARG A 149 17.86 -5.94 -7.97
C ARG A 149 17.36 -4.67 -8.64
N PRO A 150 17.09 -4.73 -9.93
CA PRO A 150 16.72 -3.50 -10.67
C PRO A 150 15.46 -2.87 -10.07
N ILE A 151 15.40 -1.54 -10.11
CA ILE A 151 14.26 -0.83 -9.53
C ILE A 151 12.96 -1.26 -10.19
N SER A 152 13.04 -1.77 -11.42
CA SER A 152 11.86 -2.28 -12.10
C SER A 152 11.08 -3.23 -11.22
N TYR A 153 11.78 -4.01 -10.42
CA TYR A 153 11.15 -5.09 -9.66
C TYR A 153 10.38 -4.56 -8.46
N LEU A 154 10.71 -3.33 -8.04
CA LEU A 154 10.06 -2.67 -6.92
C LEU A 154 9.00 -1.68 -7.36
N LYS A 155 9.02 -1.25 -8.63
CA LYS A 155 8.05 -0.28 -9.11
C LYS A 155 6.64 -0.83 -8.96
N GLY A 156 5.77 -0.02 -8.37
CA GLY A 156 4.40 -0.40 -8.16
C GLY A 156 4.14 -1.04 -6.82
N SER A 157 5.14 -1.08 -5.93
CA SER A 157 4.98 -1.72 -4.64
C SER A 157 4.94 -0.70 -3.50
N SER A 158 5.04 0.60 -3.79
CA SER A 158 4.80 1.58 -2.73
C SER A 158 3.45 1.33 -2.08
N GLY A 159 3.37 1.54 -0.76
CA GLY A 159 2.20 1.18 -0.02
C GLY A 159 2.24 -0.22 0.57
N GLY A 160 3.18 -1.05 0.14
CA GLY A 160 3.33 -2.39 0.66
C GLY A 160 4.04 -2.42 1.99
N PRO A 161 3.92 -3.53 2.70
CA PRO A 161 4.53 -3.60 4.04
C PRO A 161 5.97 -4.10 4.05
N LEU A 162 6.70 -3.61 5.05
CA LEU A 162 7.86 -4.27 5.59
C LEU A 162 7.45 -4.94 6.88
N LEU A 163 7.75 -6.23 7.01
CA LEU A 163 7.35 -7.08 8.12
C LEU A 163 8.57 -7.55 8.90
N CYS A 164 8.37 -7.80 10.18
CA CYS A 164 9.39 -8.42 11.02
C CYS A 164 9.33 -9.94 10.86
N PRO A 165 10.25 -10.66 11.50
CA PRO A 165 10.21 -12.14 11.38
C PRO A 165 8.91 -12.76 11.86
N ALA A 166 8.22 -12.12 12.77
CA ALA A 166 6.95 -12.61 13.32
C ALA A 166 5.74 -12.18 12.50
N GLY A 167 5.93 -11.46 11.41
CA GLY A 167 4.81 -11.08 10.57
C GLY A 167 4.10 -9.82 11.00
N HIS A 168 4.69 -9.06 11.92
CA HIS A 168 4.13 -7.77 12.27
C HIS A 168 4.55 -6.69 11.27
N ALA A 169 3.76 -5.61 11.23
CA ALA A 169 4.07 -4.47 10.37
C ALA A 169 5.13 -3.57 11.02
N VAL A 170 6.20 -3.35 10.28
CA VAL A 170 7.25 -2.45 10.69
C VAL A 170 7.20 -1.12 9.93
N GLY A 171 6.69 -1.11 8.70
CA GLY A 171 6.56 0.13 7.97
C GLY A 171 5.90 -0.10 6.63
N ILE A 172 5.73 1.01 5.92
CA ILE A 172 5.07 1.11 4.62
C ILE A 172 6.12 1.57 3.62
N PHE A 173 6.35 0.76 2.57
CA PHE A 173 7.34 1.07 1.54
C PHE A 173 7.00 2.39 0.83
N ARG A 174 7.99 3.29 0.77
CA ARG A 174 7.80 4.62 0.23
C ARG A 174 8.61 4.92 -1.01
N ALA A 175 9.90 4.57 -1.01
CA ALA A 175 10.80 5.00 -2.08
C ALA A 175 11.99 4.04 -2.16
N ALA A 176 12.61 4.01 -3.33
CA ALA A 176 13.77 3.16 -3.57
C ALA A 176 15.02 3.99 -3.79
N VAL A 177 16.14 3.53 -3.23
CA VAL A 177 17.45 4.16 -3.36
C VAL A 177 18.21 3.34 -4.39
N SER A 178 18.63 4.00 -5.48
CA SER A 178 19.10 3.33 -6.68
C SER A 178 20.49 3.81 -7.06
N THR A 179 21.30 2.88 -7.56
CA THR A 179 22.60 3.16 -8.15
C THR A 179 22.60 2.52 -9.53
N ARG A 180 22.68 3.35 -10.58
CA ARG A 180 22.67 2.82 -11.94
C ARG A 180 21.51 1.85 -12.12
N GLY A 181 20.35 2.28 -11.64
CA GLY A 181 19.12 1.52 -11.77
C GLY A 181 18.97 0.33 -10.87
N VAL A 182 19.93 0.05 -9.99
CA VAL A 182 19.86 -1.09 -9.09
C VAL A 182 19.42 -0.61 -7.72
N ALA A 183 18.33 -1.15 -7.22
CA ALA A 183 17.84 -0.84 -5.89
C ALA A 183 18.75 -1.49 -4.87
N LYS A 184 19.46 -0.68 -4.09
CA LYS A 184 20.27 -1.18 -2.99
C LYS A 184 19.59 -1.02 -1.65
N ALA A 185 18.66 -0.08 -1.53
CA ALA A 185 18.06 0.26 -0.26
C ALA A 185 16.65 0.79 -0.50
N VAL A 186 15.84 0.76 0.54
CA VAL A 186 14.50 1.29 0.48
C VAL A 186 14.25 2.24 1.64
N ALA A 187 13.39 3.21 1.39
CA ALA A 187 12.85 4.08 2.42
C ALA A 187 11.42 3.66 2.74
N PHE A 188 11.03 3.80 3.99
CA PHE A 188 9.70 3.41 4.39
C PHE A 188 9.19 4.33 5.48
N ILE A 189 7.87 4.35 5.64
CA ILE A 189 7.21 5.06 6.73
C ILE A 189 7.15 4.11 7.91
N PRO A 190 7.84 4.38 9.03
CA PRO A 190 7.83 3.43 10.14
C PRO A 190 6.45 3.38 10.76
N VAL A 191 6.10 2.21 11.27
CA VAL A 191 4.78 2.03 11.87
C VAL A 191 4.57 2.98 13.04
N GLU A 192 5.63 3.34 13.76
CA GLU A 192 5.45 4.31 14.85
C GLU A 192 4.96 5.66 14.34
N SER A 193 5.33 6.00 13.11
CA SER A 193 4.88 7.24 12.53
C SER A 193 3.40 7.16 12.18
N LEU A 194 2.95 5.99 11.72
CA LEU A 194 1.53 5.76 11.54
C LEU A 194 0.81 5.82 12.88
N GLU A 195 1.39 5.19 13.91
CA GLU A 195 0.75 5.16 15.22
C GLU A 195 0.64 6.57 15.82
N THR A 196 1.61 7.44 15.52
CA THR A 196 1.51 8.83 15.95
C THR A 196 0.46 9.58 15.15
N THR A 197 0.54 9.48 13.82
CA THR A 197 -0.46 10.11 12.96
C THR A 197 -1.87 9.77 13.44
N MET A 198 -2.05 8.57 13.99
CA MET A 198 -3.38 8.19 14.45
C MET A 198 -3.78 8.93 15.71
N ARG A 199 -2.98 9.89 16.19
CA ARG A 199 -3.29 10.66 17.39
C ARG A 199 -3.20 12.17 17.13
ZN ZN B . 7.62 -7.79 15.31
C10 ZJY C . 11.23 6.80 -5.55
C17 ZJY C . 14.61 9.59 -2.51
C21 ZJY C . 8.47 10.61 -3.43
C24 ZJY C . 6.79 12.09 -1.66
C26 ZJY C . 8.72 10.61 -1.92
C28 ZJY C . 4.47 13.64 -2.82
C01 ZJY C . 8.72 7.34 -5.18
C02 ZJY C . 7.78 8.60 -5.60
C03 ZJY C . 8.63 9.62 -5.51
C04 ZJY C . 9.93 9.10 -6.26
C06 ZJY C . 8.56 5.99 -5.79
C09 ZJY C . 8.00 3.60 -5.14
C11 ZJY C . 12.54 7.30 -6.16
C14 ZJY C . 13.68 8.53 -4.35
C18 ZJY C . 12.97 6.28 -7.23
C19 ZJY C . 11.93 6.22 -8.38
C23 ZJY C . 6.53 12.07 -3.17
C27 ZJY C . 5.37 12.85 -3.79
C29 ZJY C . 4.72 13.64 -1.31
C30 ZJY C . 5.87 12.89 -0.70
C32 ZJY C . 3.25 14.27 -4.73
C33 ZJY C . 9.89 9.83 -1.34
C34 ZJY C . 6.92 3.05 -6.04
C40 ZJY C . 3.85 4.92 -7.96
C41 ZJY C . 2.42 4.62 -8.42
C42 ZJY C . 2.67 5.27 -7.05
C43 ZJY C . 4.60 6.09 -8.64
C44 ZJY C . 9.35 2.89 -5.51
C45 ZJY C . 9.77 1.82 -6.51
C46 ZJY C . 10.73 1.96 -7.46
C47 ZJY C . 11.54 3.26 -7.65
C48 ZJY C . 11.29 3.83 -9.06
C49 ZJY C . 8.55 2.44 -4.27
C50 ZJY C . 12.27 5.03 -9.32
C51 ZJY C . 15.25 9.10 -1.22
C52 ZJY C . 16.78 8.98 -1.30
C53 ZJY C . 16.16 10.10 -0.46
C54 ZJY C . 14.54 8.03 -0.37
F55 ZJY C . 13.28 8.50 -0.05
F56 ZJY C . 15.25 7.82 0.77
F57 ZJY C . 14.50 6.89 -1.13
N05 ZJY C . 10.02 7.64 -5.62
N08 ZJY C . 8.07 5.02 -4.85
N13 ZJY C . 13.57 7.36 -5.19
N22 ZJY C . 7.38 11.31 -4.07
N25 ZJY C . 7.87 11.36 -1.03
N35 ZJY C . 5.97 4.01 -6.47
O07 ZJY C . 8.82 5.75 -6.92
O12 ZJY C . 11.19 5.74 -5.03
O15 ZJY C . 14.67 8.47 -3.37
O16 ZJY C . 12.96 9.49 -4.48
O20 ZJY C . 9.29 9.85 -4.23
O31 ZJY C . 3.42 14.35 -3.34
O36 ZJY C . 6.79 1.89 -6.33
O38 ZJY C . 3.84 2.47 -6.81
O39 ZJY C . 5.30 2.89 -8.66
S37 ZJY C . 4.76 3.46 -7.42
H172 ZJY C . 13.69 9.86 -2.36
H171 ZJY C . 15.10 10.34 -2.89
H011 ZJY C . 8.51 7.32 -4.24
H022 ZJY C . 7.04 8.71 -4.98
H021 ZJY C . 7.45 8.51 -6.51
H031 ZJY C . 8.10 10.37 -5.82
H041 ZJY C . 9.79 9.06 -7.22
H042 ZJY C . 10.71 9.63 -6.05
H111 ZJY C . 12.40 8.18 -6.52
H181 ZJY C . 13.05 5.41 -6.81
H182 ZJY C . 13.83 6.55 -7.59
H192 ZJY C . 11.96 7.05 -8.89
H191 ZJY C . 11.04 6.11 -8.01
H271 ZJY C . 5.22 12.85 -4.71
H291 ZJY C . 4.15 14.13 -0.76
H301 ZJY C . 6.03 12.90 0.22
H321 ZJY C . 2.51 14.82 -5.01
H322 ZJY C . 3.09 13.35 -4.98
H323 ZJY C . 4.06 14.57 -5.17
H333 ZJY C . 10.21 10.27 -0.53
H332 ZJY C . 10.62 9.81 -2.00
H331 ZJY C . 9.61 8.92 -1.14
H412 ZJY C . 2.17 3.68 -8.39
H411 ZJY C . 2.07 5.20 -9.10
H421 ZJY C . 2.44 6.21 -6.99
H422 ZJY C . 2.55 4.69 -6.28
H432 ZJY C . 4.18 6.30 -9.48
H431 ZJY C . 5.53 5.83 -8.80
H433 ZJY C . 4.59 6.87 -8.06
H441 ZJY C . 10.11 3.40 -5.19
H451 ZJY C . 9.33 1.00 -6.47
H461 ZJY C . 10.90 1.24 -8.02
H471 ZJY C . 12.48 3.07 -7.54
H472 ZJY C . 11.25 3.91 -6.99
H482 ZJY C . 10.38 4.15 -9.13
H481 ZJY C . 11.44 3.14 -9.72
H491 ZJY C . 8.08 1.59 -4.37
H492 ZJY C . 8.93 2.71 -3.42
H501 ZJY C . 12.19 5.31 -10.24
H502 ZJY C . 13.18 4.73 -9.15
H522 ZJY C . 17.18 9.25 -2.14
H521 ZJY C . 17.17 8.25 -0.79
H532 ZJY C . 16.20 9.98 0.50
H531 ZJY C . 16.21 10.99 -0.84
H081 ZJY C . 7.80 5.30 -4.08
H131 ZJY C . 14.14 6.71 -5.10
H351 ZJY C . 6.04 4.84 -6.24
C1 EDO D . 16.55 8.88 7.07
O1 EDO D . 16.29 8.97 8.48
C2 EDO D . 17.88 8.20 6.79
O2 EDO D . 18.88 9.20 6.49
H11 EDO D . 15.75 8.31 6.60
H12 EDO D . 16.56 9.88 6.64
HO1 EDO D . 15.41 9.37 8.62
H21 EDO D . 18.20 7.63 7.68
H22 EDO D . 17.78 7.50 5.96
HO2 EDO D . 19.73 8.76 6.33
C1 EDO E . -3.51 1.27 -13.52
O1 EDO E . -4.33 1.98 -14.46
C2 EDO E . -2.08 1.20 -14.08
O2 EDO E . -1.71 2.50 -14.53
H11 EDO E . -3.90 0.27 -13.38
H12 EDO E . -3.50 1.78 -12.56
HO1 EDO E . -5.24 2.03 -14.11
H21 EDO E . -2.03 0.48 -14.91
H22 EDO E . -1.40 0.85 -13.30
HO2 EDO E . -0.79 2.49 -14.81
C1 EDO F . 9.67 -2.50 15.66
O1 EDO F . 9.57 -2.43 17.08
C2 EDO F . 9.37 -1.14 15.02
O2 EDO F . 10.42 -0.20 15.31
H11 EDO F . 8.96 -3.23 15.27
H12 EDO F . 10.67 -2.81 15.37
HO1 EDO F . 9.38 -3.32 17.42
H21 EDO F . 9.28 -1.25 13.93
H22 EDO F . 8.41 -0.76 15.40
HO2 EDO F . 11.25 -0.67 15.44
C1 EDO G . 22.07 7.29 -10.44
O1 EDO G . 21.31 7.81 -11.54
C2 EDO G . 23.11 6.30 -10.96
O2 EDO G . 23.70 5.61 -9.87
H11 EDO G . 21.41 6.79 -9.72
H12 EDO G . 22.58 8.11 -9.92
HO1 EDO G . 20.68 8.46 -11.21
H21 EDO G . 23.88 6.84 -11.53
H22 EDO G . 22.64 5.59 -11.64
HO2 EDO G . 24.42 5.05 -10.19
C1 EDO H . 14.37 -8.23 18.94
O1 EDO H . 13.43 -9.10 18.30
C2 EDO H . 15.80 -8.62 18.64
O2 EDO H . 16.05 -8.79 17.25
H11 EDO H . 14.20 -8.25 20.02
H12 EDO H . 14.20 -7.20 18.59
HO1 EDO H . 12.54 -8.85 18.56
H21 EDO H . 16.03 -9.56 19.16
H22 EDO H . 16.47 -7.85 19.04
HO2 EDO H . 17.00 -8.80 17.09
C1 EDO I . 0.98 -6.29 -12.51
O1 EDO I . 0.93 -6.08 -11.10
C2 EDO I . 1.68 -5.16 -13.19
O2 EDO I . 3.07 -5.44 -13.20
H11 EDO I . -0.03 -6.39 -12.90
H12 EDO I . 1.51 -7.23 -12.72
HO1 EDO I . 0.40 -6.77 -10.69
H21 EDO I . 1.49 -4.23 -12.65
H22 EDO I . 1.31 -5.04 -14.20
HO2 EDO I . 3.50 -4.92 -13.90
C1 EDO J . -2.36 4.41 18.81
O1 EDO J . -2.75 3.57 17.71
C2 EDO J . -2.61 5.88 18.49
O2 EDO J . -3.85 6.29 19.10
H11 EDO J . -1.29 4.26 19.01
H12 EDO J . -2.91 4.12 19.70
HO1 EDO J . -2.88 2.67 18.01
H21 EDO J . -1.80 6.49 18.87
H22 EDO J . -2.68 6.02 17.41
HO2 EDO J . -3.93 7.25 19.06
C1 EDO K . 2.29 2.68 -14.27
O1 EDO K . 0.91 2.32 -14.20
C2 EDO K . 2.58 3.74 -15.33
O2 EDO K . 3.95 4.14 -15.08
H11 EDO K . 2.61 3.06 -13.30
H12 EDO K . 2.88 1.80 -14.49
HO1 EDO K . 0.78 1.71 -13.46
H21 EDO K . 1.91 4.60 -15.23
H22 EDO K . 2.46 3.33 -16.34
HO2 EDO K . 4.55 3.43 -15.37
S SO4 L . -6.47 -16.87 -8.02
O1 SO4 L . -7.62 -17.49 -8.64
O2 SO4 L . -6.56 -15.41 -8.14
O3 SO4 L . -6.43 -17.23 -6.60
O4 SO4 L . -5.27 -17.32 -8.75
S SO4 M . -1.72 11.36 -11.10
O1 SO4 M . -2.69 12.12 -11.89
O2 SO4 M . -1.00 10.38 -11.93
O3 SO4 M . -2.47 10.63 -10.07
O4 SO4 M . -0.77 12.26 -10.49
#